data_1U0Z
#
_entry.id   1U0Z
#
_cell.length_a   65.509
_cell.length_b   84.438
_cell.length_c   95.009
_cell.angle_alpha   90.00
_cell.angle_beta   90.00
_cell.angle_gamma   90.00
#
_symmetry.space_group_name_H-M   'P 21 21 21'
#
loop_
_entity.id
_entity.type
_entity.pdbx_description
1 polymer Endoplasmin
2 non-polymer RADICICOL
3 non-polymer 'TETRAETHYLENE GLYCOL'
4 non-polymer 'PENTAETHYLENE GLYCOL'
5 water water
#
_entity_poly.entity_id   1
_entity_poly.type   'polypeptide(L)'
_entity_poly.pdbx_seq_one_letter_code
;GSHMLREKSEKFAFQAEVNRMMKLIINSLYKNKEIFLRELISNASDALDKIRLISLTDENALAGNEELTVKIKCDKEKNL
LHVTDTGVGMTREELVKNLGTIAKSGTSEFLNKMTEAQEDGQSTSELIGQFGVGFYSAFLVADKVIVTSKHNNDTQHIWE
SDSNEFSVIADPRGNTLGRGTTITLVLKEEASDYLELDTIKNLVKKYSQFINFPIYVWSSKTGGGGKTVWDWELMN
;
_entity_poly.pdbx_strand_id   A,B
#
loop_
_chem_comp.id
_chem_comp.type
_chem_comp.name
_chem_comp.formula
1PE non-polymer 'PENTAETHYLENE GLYCOL' 'C10 H22 O6'
PG4 non-polymer 'TETRAETHYLENE GLYCOL' 'C8 H18 O5'
RDC non-polymer RADICICOL 'C18 H17 Cl O6'
#
# COMPACT_ATOMS: atom_id res chain seq x y z
N GLU A 10 9.18 10.93 -13.47
CA GLU A 10 9.82 11.04 -12.13
C GLU A 10 9.03 10.34 -11.02
N LYS A 11 7.74 10.12 -11.25
CA LYS A 11 6.88 9.45 -10.25
C LYS A 11 6.65 7.98 -10.59
N PHE A 12 6.71 7.12 -9.57
CA PHE A 12 6.53 5.69 -9.78
C PHE A 12 5.70 5.01 -8.70
N ALA A 13 5.06 3.92 -9.07
CA ALA A 13 4.27 3.13 -8.13
C ALA A 13 5.14 1.94 -7.79
N PHE A 14 4.98 1.36 -6.60
CA PHE A 14 5.76 0.19 -6.25
C PHE A 14 5.12 -1.03 -6.90
N GLN A 15 5.94 -2.04 -7.13
CA GLN A 15 5.45 -3.30 -7.69
C GLN A 15 4.56 -3.92 -6.61
N ALA A 16 3.54 -4.67 -7.02
CA ALA A 16 2.64 -5.28 -6.05
C ALA A 16 3.39 -6.09 -5.00
N GLU A 17 4.38 -6.86 -5.45
CA GLU A 17 5.17 -7.69 -4.54
C GLU A 17 5.90 -6.88 -3.48
N VAL A 18 6.35 -5.67 -3.84
CA VAL A 18 7.06 -4.85 -2.87
C VAL A 18 6.10 -4.33 -1.81
N ASN A 19 4.90 -3.94 -2.23
CA ASN A 19 3.91 -3.45 -1.27
C ASN A 19 3.63 -4.55 -0.26
N ARG A 20 3.45 -5.77 -0.74
CA ARG A 20 3.18 -6.91 0.15
C ARG A 20 4.36 -7.14 1.08
N MET A 21 5.57 -7.04 0.52
CA MET A 21 6.79 -7.25 1.30
C MET A 21 6.94 -6.22 2.42
N MET A 22 6.72 -4.94 2.10
CA MET A 22 6.83 -3.88 3.09
C MET A 22 5.89 -4.11 4.27
N LYS A 23 4.67 -4.56 4.00
CA LYS A 23 3.71 -4.81 5.06
C LYS A 23 4.15 -5.99 5.93
N LEU A 24 4.66 -7.03 5.28
CA LEU A 24 5.12 -8.22 6.01
C LEU A 24 6.28 -7.85 6.93
N ILE A 25 7.28 -7.17 6.37
CA ILE A 25 8.44 -6.76 7.15
C ILE A 25 8.03 -5.89 8.34
N ILE A 26 7.19 -4.90 8.09
CA ILE A 26 6.72 -4.00 9.12
C ILE A 26 5.91 -4.69 10.23
N ASN A 27 4.99 -5.56 9.83
CA ASN A 27 4.15 -6.26 10.80
C ASN A 27 4.94 -7.28 11.62
N SER A 28 6.01 -7.81 11.05
CA SER A 28 6.82 -8.81 11.73
C SER A 28 7.82 -8.28 12.74
N LEU A 29 8.52 -7.20 12.36
CA LEU A 29 9.54 -6.63 13.23
C LEU A 29 9.10 -5.44 14.06
N TYR A 30 7.78 -5.29 14.24
CA TYR A 30 7.24 -4.18 15.01
C TYR A 30 7.79 -4.14 16.44
N LYS A 31 8.21 -5.30 16.95
CA LYS A 31 8.72 -5.37 18.31
C LYS A 31 10.25 -5.38 18.38
N ASN A 32 10.89 -5.30 17.22
CA ASN A 32 12.35 -5.31 17.14
C ASN A 32 12.77 -4.29 16.08
N LYS A 33 12.29 -3.07 16.23
CA LYS A 33 12.55 -1.99 15.29
C LYS A 33 14.01 -1.56 15.06
N GLU A 34 14.83 -1.63 16.12
N GLU A 34 14.83 -1.66 16.10
CA GLU A 34 16.23 -1.23 16.03
CA GLU A 34 16.23 -1.25 16.00
C GLU A 34 17.03 -2.07 15.04
C GLU A 34 16.99 -2.06 14.96
N ILE A 35 16.39 -3.06 14.43
N ILE A 35 16.36 -3.09 14.43
CA ILE A 35 17.03 -3.94 13.47
CA ILE A 35 17.05 -3.93 13.48
C ILE A 35 17.27 -3.26 12.11
C ILE A 35 17.31 -3.23 12.14
N PHE A 36 16.52 -2.20 11.85
CA PHE A 36 16.64 -1.46 10.60
C PHE A 36 18.07 -0.97 10.44
N LEU A 37 18.69 -0.57 11.54
CA LEU A 37 20.05 -0.06 11.50
C LEU A 37 21.00 -1.17 11.08
N ARG A 38 20.77 -2.37 11.60
CA ARG A 38 21.61 -3.51 11.26
C ARG A 38 21.56 -3.75 9.76
N GLU A 39 20.35 -3.70 9.20
CA GLU A 39 20.14 -3.93 7.78
C GLU A 39 20.75 -2.87 6.87
N LEU A 40 20.65 -1.60 7.26
CA LEU A 40 21.22 -0.52 6.47
C LEU A 40 22.74 -0.64 6.47
N ILE A 41 23.31 -1.03 7.60
CA ILE A 41 24.76 -1.18 7.71
C ILE A 41 25.22 -2.39 6.90
N SER A 42 24.40 -3.44 6.87
CA SER A 42 24.71 -4.64 6.11
C SER A 42 24.67 -4.32 4.61
N ASN A 43 23.65 -3.56 4.20
CA ASN A 43 23.54 -3.19 2.81
C ASN A 43 24.75 -2.34 2.43
N ALA A 44 25.14 -1.43 3.32
CA ALA A 44 26.28 -0.56 3.07
C ALA A 44 27.56 -1.37 2.87
N SER A 45 27.74 -2.38 3.71
CA SER A 45 28.89 -3.25 3.63
C SER A 45 28.91 -3.98 2.29
N ASP A 46 27.75 -4.47 1.86
CA ASP A 46 27.64 -5.17 0.59
C ASP A 46 27.98 -4.23 -0.58
N ALA A 47 27.53 -2.99 -0.51
CA ALA A 47 27.79 -2.02 -1.57
C ALA A 47 29.28 -1.72 -1.66
N LEU A 48 29.95 -1.70 -0.52
CA LEU A 48 31.39 -1.45 -0.47
C LEU A 48 32.15 -2.67 -1.02
N ASP A 49 31.67 -3.88 -0.72
CA ASP A 49 32.30 -5.09 -1.25
C ASP A 49 32.26 -5.05 -2.77
N LYS A 50 31.13 -4.58 -3.31
CA LYS A 50 30.93 -4.50 -4.75
C LYS A 50 31.95 -3.60 -5.45
N ILE A 51 32.15 -2.40 -4.92
CA ILE A 51 33.08 -1.48 -5.56
C ILE A 51 34.52 -1.98 -5.37
N ARG A 52 34.77 -2.62 -4.24
CA ARG A 52 36.10 -3.17 -3.97
C ARG A 52 36.41 -4.22 -5.03
N LEU A 53 35.42 -5.05 -5.35
CA LEU A 53 35.58 -6.08 -6.38
C LEU A 53 35.78 -5.44 -7.75
N ILE A 54 35.01 -4.40 -8.03
N ILE A 54 35.02 -4.39 -8.03
CA ILE A 54 35.11 -3.69 -9.30
CA ILE A 54 35.11 -3.68 -9.30
C ILE A 54 36.49 -3.05 -9.47
C ILE A 54 36.50 -3.05 -9.46
N SER A 55 37.05 -2.55 -8.37
CA SER A 55 38.37 -1.91 -8.40
C SER A 55 39.49 -2.88 -8.73
N LEU A 56 39.26 -4.18 -8.56
CA LEU A 56 40.30 -5.17 -8.87
C LEU A 56 40.55 -5.18 -10.37
N THR A 57 39.47 -5.03 -11.14
CA THR A 57 39.56 -5.06 -12.60
C THR A 57 39.46 -3.70 -13.28
N ASP A 58 39.03 -2.68 -12.52
CA ASP A 58 38.87 -1.33 -13.07
C ASP A 58 39.72 -0.36 -12.24
N GLU A 59 40.92 -0.05 -12.74
CA GLU A 59 41.85 0.85 -12.06
C GLU A 59 41.33 2.24 -11.73
N ASN A 60 40.31 2.69 -12.45
CA ASN A 60 39.75 4.02 -12.21
C ASN A 60 38.45 3.95 -11.39
N ALA A 61 38.08 2.76 -10.97
CA ALA A 61 36.86 2.55 -10.21
C ALA A 61 36.64 3.51 -9.04
N LEU A 62 37.70 3.82 -8.30
CA LEU A 62 37.56 4.69 -7.14
C LEU A 62 37.83 6.17 -7.34
N ALA A 63 38.00 6.58 -8.60
CA ALA A 63 38.30 7.97 -8.91
C ALA A 63 37.33 9.01 -8.34
N GLY A 64 36.07 8.63 -8.15
CA GLY A 64 35.10 9.58 -7.62
C GLY A 64 35.15 9.79 -6.12
N ASN A 65 35.74 8.84 -5.40
CA ASN A 65 35.84 8.91 -3.94
C ASN A 65 36.77 7.78 -3.50
N GLU A 66 37.97 8.15 -3.05
CA GLU A 66 38.99 7.18 -2.64
C GLU A 66 38.75 6.36 -1.38
N GLU A 67 37.83 6.78 -0.51
CA GLU A 67 37.61 6.02 0.71
C GLU A 67 36.54 4.93 0.56
N LEU A 68 36.61 3.93 1.44
CA LEU A 68 35.66 2.83 1.50
C LEU A 68 35.15 2.86 2.94
N THR A 69 34.13 3.66 3.20
CA THR A 69 33.61 3.78 4.56
C THR A 69 32.09 3.90 4.67
N VAL A 70 31.62 3.83 5.91
CA VAL A 70 30.22 4.00 6.24
C VAL A 70 30.22 5.10 7.29
N LYS A 71 29.50 6.18 7.02
CA LYS A 71 29.45 7.31 7.96
C LYS A 71 28.00 7.62 8.30
N ILE A 72 27.75 7.67 9.61
CA ILE A 72 26.41 7.91 10.14
C ILE A 72 26.34 9.17 10.99
N LYS A 73 25.31 9.97 10.76
CA LYS A 73 25.15 11.17 11.57
C LYS A 73 23.69 11.54 11.81
N CYS A 74 23.44 11.99 13.03
CA CYS A 74 22.11 12.36 13.47
C CYS A 74 21.91 13.86 13.36
N ASP A 75 20.83 14.27 12.71
CA ASP A 75 20.51 15.67 12.60
C ASP A 75 19.23 15.82 13.41
N LYS A 76 19.39 16.01 14.72
CA LYS A 76 18.25 16.14 15.62
C LYS A 76 17.39 17.34 15.26
N GLU A 77 18.02 18.49 15.02
CA GLU A 77 17.29 19.70 14.69
C GLU A 77 16.35 19.49 13.51
N LYS A 78 16.82 18.81 12.48
CA LYS A 78 15.99 18.56 11.30
C LYS A 78 15.28 17.21 11.41
N ASN A 79 15.51 16.51 12.51
CA ASN A 79 14.90 15.20 12.74
C ASN A 79 15.28 14.18 11.67
N LEU A 80 16.56 14.14 11.33
CA LEU A 80 17.02 13.22 10.29
C LEU A 80 18.19 12.35 10.71
N LEU A 81 18.20 11.12 10.19
CA LEU A 81 19.29 10.18 10.43
C LEU A 81 19.86 9.92 9.04
N HIS A 82 21.17 9.95 8.91
CA HIS A 82 21.83 9.71 7.63
C HIS A 82 22.82 8.56 7.72
N VAL A 83 22.77 7.64 6.77
CA VAL A 83 23.72 6.53 6.72
C VAL A 83 24.34 6.60 5.32
N THR A 84 25.61 6.98 5.26
CA THR A 84 26.30 7.14 3.98
C THR A 84 27.46 6.17 3.77
N ASP A 85 27.48 5.52 2.61
CA ASP A 85 28.57 4.60 2.28
C ASP A 85 29.21 5.08 0.98
N THR A 86 30.46 4.70 0.75
CA THR A 86 31.13 5.10 -0.46
C THR A 86 31.22 3.86 -1.35
N GLY A 87 30.12 3.11 -1.38
CA GLY A 87 30.05 1.91 -2.18
C GLY A 87 29.91 2.16 -3.66
N VAL A 88 29.44 1.14 -4.38
CA VAL A 88 29.29 1.21 -5.81
C VAL A 88 28.23 2.22 -6.27
N GLY A 89 27.23 2.47 -5.43
CA GLY A 89 26.19 3.41 -5.78
C GLY A 89 25.19 2.82 -6.77
N MET A 90 24.24 3.63 -7.19
CA MET A 90 23.22 3.18 -8.13
C MET A 90 22.90 4.24 -9.19
N THR A 91 22.72 3.79 -10.43
CA THR A 91 22.37 4.71 -11.51
C THR A 91 20.90 5.00 -11.30
N ARG A 92 20.35 5.90 -12.10
CA ARG A 92 18.94 6.25 -11.98
C ARG A 92 18.07 5.02 -12.18
N GLU A 93 18.35 4.25 -13.22
CA GLU A 93 17.58 3.04 -13.52
C GLU A 93 17.68 2.00 -12.40
N GLU A 94 18.84 1.95 -11.75
CA GLU A 94 19.05 1.00 -10.66
C GLU A 94 18.29 1.38 -9.39
N LEU A 95 18.13 2.68 -9.16
CA LEU A 95 17.37 3.15 -8.02
C LEU A 95 15.92 2.67 -8.19
N VAL A 96 15.40 2.87 -9.39
CA VAL A 96 14.04 2.47 -9.71
C VAL A 96 13.87 0.95 -9.63
N LYS A 97 14.85 0.22 -10.14
CA LYS A 97 14.82 -1.24 -10.15
C LYS A 97 15.07 -1.89 -8.79
N ASN A 98 16.13 -1.48 -8.11
CA ASN A 98 16.47 -2.05 -6.81
C ASN A 98 15.49 -1.73 -5.68
N LEU A 99 14.94 -0.52 -5.68
CA LEU A 99 14.04 -0.13 -4.60
C LEU A 99 12.55 -0.24 -4.91
N GLY A 100 12.18 -0.22 -6.19
CA GLY A 100 10.78 -0.28 -6.54
C GLY A 100 10.22 -1.62 -7.01
N THR A 101 11.10 -2.56 -7.31
CA THR A 101 10.68 -3.88 -7.79
C THR A 101 11.46 -4.99 -7.06
N ILE A 102 11.01 -6.23 -7.24
CA ILE A 102 11.68 -7.36 -6.60
C ILE A 102 12.00 -8.44 -7.63
N GLY A 106 13.68 -16.30 -6.55
CA GLY A 106 12.59 -16.97 -5.85
C GLY A 106 11.96 -16.08 -4.79
N THR A 107 11.35 -14.99 -5.23
CA THR A 107 10.71 -14.05 -4.33
C THR A 107 9.40 -14.60 -3.75
N SER A 108 8.65 -15.31 -4.58
CA SER A 108 7.38 -15.90 -4.15
C SER A 108 7.56 -16.80 -2.93
N GLU A 109 8.64 -17.59 -2.94
CA GLU A 109 8.93 -18.50 -1.84
C GLU A 109 9.20 -17.71 -0.57
N PHE A 110 10.03 -16.68 -0.69
CA PHE A 110 10.37 -15.82 0.44
C PHE A 110 9.10 -15.25 1.05
N LEU A 111 8.22 -14.73 0.19
CA LEU A 111 6.97 -14.15 0.64
C LEU A 111 6.10 -15.23 1.26
N ASN A 112 6.06 -16.39 0.60
CA ASN A 112 5.28 -17.52 1.11
C ASN A 112 5.80 -17.87 2.50
N LYS A 113 7.12 -17.90 2.65
CA LYS A 113 7.75 -18.23 3.91
C LYS A 113 7.49 -17.13 4.95
N MET A 114 7.58 -15.88 4.52
CA MET A 114 7.36 -14.74 5.41
C MET A 114 5.95 -14.77 5.99
N THR A 115 4.95 -14.86 5.10
CA THR A 115 3.56 -14.89 5.51
C THR A 115 3.26 -16.15 6.33
N GLU A 116 3.96 -17.23 6.02
CA GLU A 116 3.79 -18.50 6.72
C GLU A 116 4.64 -18.52 7.98
N THR A 124 11.37 -13.92 11.32
CA THR A 124 11.45 -13.19 10.06
C THR A 124 12.75 -12.39 9.96
N SER A 125 13.29 -12.01 11.11
CA SER A 125 14.53 -11.23 11.18
C SER A 125 15.66 -11.82 10.32
N GLU A 126 15.98 -13.08 10.54
CA GLU A 126 17.05 -13.72 9.78
C GLU A 126 16.71 -13.83 8.30
N LEU A 127 15.44 -14.12 7.98
CA LEU A 127 15.01 -14.25 6.59
C LEU A 127 15.16 -12.93 5.83
N ILE A 128 14.86 -11.83 6.50
CA ILE A 128 14.97 -10.51 5.90
C ILE A 128 16.41 -10.27 5.45
N GLY A 129 17.35 -10.50 6.36
CA GLY A 129 18.75 -10.32 6.03
C GLY A 129 19.24 -11.26 4.93
N GLN A 130 18.74 -12.49 4.92
CA GLN A 130 19.14 -13.47 3.91
C GLN A 130 18.67 -13.11 2.51
N PHE A 131 17.46 -12.58 2.39
CA PHE A 131 16.94 -12.21 1.08
C PHE A 131 17.42 -10.82 0.65
N GLY A 132 18.06 -10.11 1.59
CA GLY A 132 18.58 -8.79 1.29
C GLY A 132 17.54 -7.69 1.06
N VAL A 133 16.39 -7.79 1.71
CA VAL A 133 15.34 -6.79 1.56
C VAL A 133 15.17 -6.01 2.85
N GLY A 134 16.23 -5.96 3.64
CA GLY A 134 16.18 -5.26 4.92
C GLY A 134 15.93 -3.77 4.81
N PHE A 135 16.20 -3.20 3.64
CA PHE A 135 16.01 -1.76 3.41
C PHE A 135 14.64 -1.29 3.88
N TYR A 136 13.60 -2.03 3.49
CA TYR A 136 12.22 -1.69 3.84
C TYR A 136 11.91 -1.59 5.33
N SER A 137 12.74 -2.19 6.18
CA SER A 137 12.50 -2.11 7.61
C SER A 137 12.69 -0.66 8.09
N ALA A 138 13.24 0.19 7.22
CA ALA A 138 13.45 1.60 7.60
C ALA A 138 12.10 2.28 7.83
N PHE A 139 11.06 1.76 7.18
CA PHE A 139 9.73 2.34 7.35
C PHE A 139 9.16 2.06 8.75
N LEU A 140 9.83 1.20 9.51
CA LEU A 140 9.39 0.92 10.88
C LEU A 140 9.60 2.17 11.74
N VAL A 141 10.65 2.93 11.42
CA VAL A 141 10.97 4.13 12.19
C VAL A 141 10.87 5.44 11.43
N ALA A 142 10.63 5.37 10.13
CA ALA A 142 10.57 6.59 9.34
C ALA A 142 9.28 6.78 8.56
N ASP A 143 8.81 8.03 8.52
CA ASP A 143 7.61 8.39 7.78
C ASP A 143 8.02 8.64 6.33
N LYS A 144 9.31 8.86 6.12
CA LYS A 144 9.82 9.09 4.77
C LYS A 144 11.26 8.62 4.68
N VAL A 145 11.58 7.97 3.55
CA VAL A 145 12.93 7.47 3.30
C VAL A 145 13.42 8.08 1.99
N ILE A 146 14.62 8.66 2.05
N ILE A 146 14.61 8.69 2.04
CA ILE A 146 15.23 9.30 0.89
CA ILE A 146 15.19 9.32 0.86
C ILE A 146 16.56 8.62 0.60
C ILE A 146 16.52 8.63 0.58
N VAL A 147 16.80 8.29 -0.68
CA VAL A 147 18.04 7.65 -1.05
C VAL A 147 18.73 8.49 -2.11
N THR A 148 19.90 9.02 -1.76
CA THR A 148 20.71 9.84 -2.67
C THR A 148 21.84 8.92 -3.13
N SER A 149 22.07 8.82 -4.43
CA SER A 149 23.11 7.91 -4.90
C SER A 149 23.86 8.41 -6.14
N LYS A 150 25.13 8.03 -6.24
CA LYS A 150 25.99 8.40 -7.35
C LYS A 150 26.78 7.17 -7.76
N HIS A 151 26.58 6.73 -8.99
CA HIS A 151 27.27 5.56 -9.55
C HIS A 151 28.22 6.11 -10.62
N ASN A 152 29.33 5.41 -10.87
CA ASN A 152 30.29 5.88 -11.86
C ASN A 152 29.70 6.05 -13.25
N ASN A 153 28.66 5.30 -13.58
CA ASN A 153 28.04 5.41 -14.89
C ASN A 153 26.89 6.41 -15.00
N ASP A 154 26.64 7.21 -13.96
CA ASP A 154 25.54 8.16 -14.02
C ASP A 154 25.81 9.38 -13.15
N THR A 155 24.89 10.34 -13.21
CA THR A 155 24.98 11.54 -12.39
C THR A 155 24.21 11.24 -11.10
N GLN A 156 24.38 12.09 -10.10
CA GLN A 156 23.72 11.91 -8.80
C GLN A 156 22.20 12.07 -8.90
N HIS A 157 21.47 11.15 -8.26
CA HIS A 157 20.00 11.19 -8.27
C HIS A 157 19.43 10.98 -6.87
N ILE A 158 18.14 11.30 -6.72
CA ILE A 158 17.46 11.16 -5.44
C ILE A 158 16.16 10.39 -5.58
N TRP A 159 16.00 9.38 -4.73
CA TRP A 159 14.80 8.54 -4.67
C TRP A 159 14.15 8.90 -3.34
N GLU A 160 12.83 9.08 -3.33
CA GLU A 160 12.15 9.42 -2.09
C GLU A 160 10.80 8.71 -2.03
N SER A 161 10.39 8.31 -0.83
CA SER A 161 9.13 7.61 -0.67
C SER A 161 8.56 7.67 0.74
N ASP A 162 7.22 7.70 0.82
CA ASP A 162 6.51 7.67 2.08
C ASP A 162 5.86 6.29 2.16
N SER A 163 6.23 5.45 1.18
CA SER A 163 5.77 4.06 1.01
C SER A 163 4.53 3.90 0.14
N ASN A 164 3.86 5.01 -0.15
CA ASN A 164 2.65 4.95 -0.97
C ASN A 164 2.91 5.19 -2.44
N GLU A 165 4.17 5.46 -2.76
CA GLU A 165 4.62 5.72 -4.13
C GLU A 165 6.06 6.19 -3.94
N PHE A 166 6.76 6.42 -5.03
CA PHE A 166 8.12 6.93 -4.91
C PHE A 166 8.45 7.76 -6.14
N SER A 167 9.46 8.62 -6.03
CA SER A 167 9.86 9.44 -7.15
C SER A 167 11.37 9.45 -7.21
N VAL A 168 11.90 9.71 -8.41
CA VAL A 168 13.33 9.77 -8.63
C VAL A 168 13.61 11.01 -9.47
N ILE A 169 14.51 11.86 -8.99
CA ILE A 169 14.86 13.09 -9.70
C ILE A 169 16.37 13.27 -9.72
N ALA A 170 16.86 13.99 -10.74
CA ALA A 170 18.29 14.27 -10.82
C ALA A 170 18.55 15.17 -9.61
N ASP A 171 19.66 14.95 -8.93
CA ASP A 171 19.97 15.75 -7.76
C ASP A 171 20.40 17.15 -8.20
N PRO A 172 19.62 18.18 -7.85
CA PRO A 172 19.99 19.56 -8.26
C PRO A 172 21.26 20.08 -7.57
N ARG A 173 21.77 19.33 -6.59
CA ARG A 173 22.97 19.72 -5.87
C ARG A 173 24.20 19.24 -6.66
N GLY A 174 23.96 18.45 -7.70
CA GLY A 174 25.05 17.92 -8.48
C GLY A 174 25.70 16.73 -7.81
N ASN A 175 26.91 16.41 -8.23
CA ASN A 175 27.66 15.28 -7.66
C ASN A 175 28.34 15.66 -6.35
N THR A 176 27.65 15.44 -5.23
CA THR A 176 28.22 15.77 -3.93
C THR A 176 28.78 14.55 -3.22
N LEU A 177 28.31 13.37 -3.60
CA LEU A 177 28.76 12.14 -2.98
C LEU A 177 30.08 11.59 -3.52
N GLY A 178 30.40 11.94 -4.76
CA GLY A 178 31.63 11.43 -5.38
C GLY A 178 31.28 10.07 -5.97
N ARG A 179 30.81 9.19 -5.08
CA ARG A 179 30.39 7.84 -5.44
C ARG A 179 29.78 7.24 -4.18
N GLY A 180 28.67 6.53 -4.32
CA GLY A 180 28.08 5.94 -3.15
C GLY A 180 26.62 6.26 -2.97
N THR A 181 26.14 6.01 -1.76
CA THR A 181 24.74 6.21 -1.44
C THR A 181 24.52 6.70 -0.01
N THR A 182 23.54 7.58 0.18
CA THR A 182 23.17 8.07 1.52
C THR A 182 21.70 7.73 1.70
N ILE A 183 21.39 7.09 2.82
CA ILE A 183 20.02 6.72 3.17
C ILE A 183 19.66 7.75 4.24
N THR A 184 18.64 8.56 3.99
CA THR A 184 18.21 9.57 4.94
C THR A 184 16.83 9.21 5.47
N LEU A 185 16.69 9.13 6.78
CA LEU A 185 15.40 8.79 7.36
C LEU A 185 14.78 9.98 8.08
N VAL A 186 13.54 10.29 7.73
CA VAL A 186 12.80 11.34 8.41
C VAL A 186 12.08 10.53 9.49
N LEU A 187 12.61 10.58 10.70
CA LEU A 187 12.07 9.81 11.82
C LEU A 187 10.66 10.13 12.30
N LYS A 188 9.93 9.09 12.65
CA LYS A 188 8.58 9.23 13.15
C LYS A 188 8.69 9.87 14.52
N GLU A 189 7.64 10.57 14.94
CA GLU A 189 7.63 11.24 16.24
C GLU A 189 8.11 10.32 17.37
N GLU A 190 7.67 9.06 17.34
CA GLU A 190 8.04 8.10 18.38
C GLU A 190 9.41 7.43 18.23
N ALA A 191 10.12 7.76 17.16
CA ALA A 191 11.44 7.17 16.93
C ALA A 191 12.55 8.15 17.25
N SER A 192 12.18 9.25 17.91
CA SER A 192 13.11 10.30 18.29
C SER A 192 14.38 9.83 18.97
N ASP A 193 14.29 8.73 19.71
CA ASP A 193 15.46 8.20 20.43
C ASP A 193 16.65 7.92 19.52
N TYR A 194 16.37 7.57 18.27
CA TYR A 194 17.45 7.27 17.32
C TYR A 194 18.23 8.50 16.86
N LEU A 195 17.94 9.66 17.45
CA LEU A 195 18.64 10.88 17.09
C LEU A 195 19.68 11.16 18.18
N GLU A 196 19.65 10.36 19.23
CA GLU A 196 20.58 10.51 20.36
C GLU A 196 21.86 9.74 20.09
N LEU A 197 23.00 10.42 20.20
CA LEU A 197 24.30 9.82 19.98
C LEU A 197 24.47 8.50 20.72
N ASP A 198 24.23 8.51 22.03
CA ASP A 198 24.37 7.32 22.86
C ASP A 198 23.66 6.13 22.23
N THR A 199 22.37 6.29 21.93
CA THR A 199 21.58 5.23 21.32
C THR A 199 22.21 4.74 20.02
N ILE A 200 22.44 5.66 19.10
CA ILE A 200 23.03 5.32 17.80
C ILE A 200 24.40 4.69 17.94
N LYS A 201 25.31 5.36 18.65
CA LYS A 201 26.66 4.82 18.86
C LYS A 201 26.55 3.40 19.35
N ASN A 202 25.71 3.22 20.36
CA ASN A 202 25.50 1.93 20.96
C ASN A 202 25.02 0.89 19.94
N LEU A 203 24.04 1.27 19.12
CA LEU A 203 23.52 0.34 18.12
C LEU A 203 24.52 0.09 17.00
N VAL A 204 25.19 1.15 16.57
CA VAL A 204 26.18 1.04 15.50
C VAL A 204 27.29 0.07 15.90
N LYS A 205 27.77 0.20 17.13
CA LYS A 205 28.85 -0.65 17.62
C LYS A 205 28.43 -2.12 17.62
N LYS A 206 27.19 -2.38 18.00
CA LYS A 206 26.67 -3.74 18.06
C LYS A 206 26.54 -4.41 16.69
N TYR A 207 26.05 -3.66 15.70
CA TYR A 207 25.84 -4.21 14.36
C TYR A 207 27.01 -4.05 13.37
N SER A 208 28.08 -3.40 13.80
CA SER A 208 29.22 -3.18 12.91
C SER A 208 30.42 -4.04 13.31
N GLN A 209 30.26 -4.77 14.40
CA GLN A 209 31.31 -5.62 14.91
C GLN A 209 31.93 -6.57 13.88
N PHE A 210 31.14 -7.09 12.97
CA PHE A 210 31.65 -8.02 11.97
C PHE A 210 31.70 -7.46 10.54
N ILE A 211 31.67 -6.14 10.42
CA ILE A 211 31.73 -5.49 9.12
C ILE A 211 33.20 -5.21 8.81
N ASN A 212 33.65 -5.64 7.63
CA ASN A 212 35.04 -5.46 7.23
C ASN A 212 35.43 -4.04 6.81
N PHE A 213 34.53 -3.09 6.94
CA PHE A 213 34.82 -1.72 6.57
C PHE A 213 34.67 -0.83 7.79
N PRO A 214 35.45 0.25 7.88
CA PRO A 214 35.34 1.15 9.04
C PRO A 214 34.04 1.97 9.03
N ILE A 215 33.35 1.94 10.17
CA ILE A 215 32.09 2.67 10.31
C ILE A 215 32.26 3.77 11.35
N TYR A 216 31.84 4.99 11.00
CA TYR A 216 31.97 6.14 11.87
C TYR A 216 30.64 6.80 12.20
N VAL A 217 30.61 7.47 13.34
CA VAL A 217 29.44 8.20 13.80
C VAL A 217 29.89 9.62 14.08
N TRP A 218 29.19 10.60 13.51
CA TRP A 218 29.51 11.99 13.75
C TRP A 218 29.13 12.23 15.21
N SER A 219 30.13 12.31 16.08
CA SER A 219 29.86 12.49 17.50
C SER A 219 30.53 13.69 18.17
N SER A 220 30.14 13.93 19.43
CA SER A 220 30.65 15.05 20.21
C SER A 220 31.59 14.65 21.35
N LYS A 221 32.59 15.50 21.61
CA LYS A 221 33.54 15.30 22.69
C LYS A 221 33.78 16.62 23.41
N THR A 228 32.85 21.91 23.55
CA THR A 228 32.29 20.79 22.79
C THR A 228 32.76 20.82 21.35
N VAL A 229 33.69 19.94 21.00
CA VAL A 229 34.17 19.84 19.61
C VAL A 229 33.50 18.62 18.94
N TRP A 230 33.30 18.67 17.63
CA TRP A 230 32.67 17.56 16.90
C TRP A 230 33.57 16.92 15.86
N ASP A 231 33.45 15.60 15.70
CA ASP A 231 34.25 14.87 14.72
C ASP A 231 33.83 13.40 14.60
N TRP A 232 34.32 12.74 13.55
CA TRP A 232 34.00 11.34 13.32
C TRP A 232 34.63 10.45 14.38
N GLU A 233 33.91 9.41 14.78
CA GLU A 233 34.41 8.47 15.79
C GLU A 233 34.24 7.05 15.26
N LEU A 234 35.34 6.31 15.19
CA LEU A 234 35.31 4.95 14.71
C LEU A 234 34.55 4.04 15.67
N MET A 235 33.62 3.24 15.12
CA MET A 235 32.80 2.35 15.92
C MET A 235 33.21 0.88 15.90
N ASN A 236 34.04 0.50 14.93
CA ASN A 236 34.50 -0.88 14.84
C ASN A 236 35.98 -0.92 14.51
N GLY B 1 -3.74 -12.27 -29.58
CA GLY B 1 -4.35 -13.52 -29.04
C GLY B 1 -4.25 -13.62 -27.53
N SER B 2 -3.02 -13.77 -27.02
CA SER B 2 -2.80 -13.88 -25.59
C SER B 2 -1.96 -12.70 -25.09
N HIS B 3 -1.87 -11.67 -25.92
CA HIS B 3 -1.11 -10.46 -25.60
C HIS B 3 -1.52 -9.84 -24.26
N MET B 4 -2.80 -9.53 -24.13
CA MET B 4 -3.33 -8.92 -22.91
C MET B 4 -2.84 -9.59 -21.63
N LEU B 5 -2.96 -10.91 -21.58
CA LEU B 5 -2.53 -11.67 -20.40
C LEU B 5 -1.00 -11.72 -20.31
N ARG B 6 -0.34 -11.65 -21.47
CA ARG B 6 1.11 -11.67 -21.52
C ARG B 6 1.70 -10.37 -21.01
N GLU B 7 1.32 -9.26 -21.66
CA GLU B 7 1.80 -7.93 -21.28
C GLU B 7 1.25 -7.50 -19.93
N LYS B 8 0.13 -8.09 -19.53
CA LYS B 8 -0.53 -7.79 -18.27
C LYS B 8 -1.16 -6.39 -18.27
N SER B 9 -1.90 -6.08 -19.34
CA SER B 9 -2.56 -4.79 -19.48
C SER B 9 -3.85 -4.76 -18.67
N GLU B 10 -4.00 -5.72 -17.76
CA GLU B 10 -5.17 -5.82 -16.91
C GLU B 10 -4.78 -5.49 -15.47
N LYS B 11 -3.47 -5.28 -15.26
CA LYS B 11 -2.95 -4.98 -13.93
C LYS B 11 -2.65 -3.50 -13.74
N PHE B 12 -3.11 -2.95 -12.62
CA PHE B 12 -2.90 -1.54 -12.32
C PHE B 12 -2.41 -1.32 -10.90
N ALA B 13 -1.82 -0.14 -10.67
CA ALA B 13 -1.35 0.24 -9.35
C ALA B 13 -2.31 1.31 -8.89
N PHE B 14 -2.51 1.47 -7.59
CA PHE B 14 -3.39 2.52 -7.11
C PHE B 14 -2.64 3.84 -7.16
N GLN B 15 -3.41 4.93 -7.20
CA GLN B 15 -2.83 6.26 -7.19
C GLN B 15 -2.29 6.44 -5.76
N ALA B 16 -1.20 7.17 -5.60
CA ALA B 16 -0.62 7.35 -4.26
C ALA B 16 -1.66 7.84 -3.25
N GLU B 17 -2.48 8.81 -3.65
CA GLU B 17 -3.49 9.34 -2.74
C GLU B 17 -4.49 8.28 -2.26
N VAL B 18 -4.80 7.30 -3.10
CA VAL B 18 -5.74 6.25 -2.69
C VAL B 18 -5.06 5.35 -1.67
N ASN B 19 -3.77 5.11 -1.86
CA ASN B 19 -3.03 4.28 -0.92
C ASN B 19 -3.04 4.94 0.45
N ARG B 20 -2.81 6.25 0.49
CA ARG B 20 -2.79 6.96 1.75
C ARG B 20 -4.19 6.95 2.37
N MET B 21 -5.20 7.16 1.52
N MET B 21 -5.20 7.17 1.52
CA MET B 21 -6.59 7.17 1.95
CA MET B 21 -6.59 7.18 1.96
C MET B 21 -6.95 5.84 2.60
C MET B 21 -6.98 5.83 2.58
N MET B 22 -6.60 4.73 1.93
CA MET B 22 -6.89 3.41 2.46
C MET B 22 -6.30 3.22 3.86
N LYS B 23 -5.06 3.67 4.04
CA LYS B 23 -4.40 3.55 5.34
C LYS B 23 -5.08 4.39 6.42
N LEU B 24 -5.48 5.60 6.06
CA LEU B 24 -6.15 6.47 7.03
C LEU B 24 -7.50 5.90 7.45
N ILE B 25 -8.21 5.28 6.50
CA ILE B 25 -9.51 4.68 6.79
C ILE B 25 -9.33 3.49 7.73
N ILE B 26 -8.41 2.61 7.37
CA ILE B 26 -8.13 1.42 8.16
C ILE B 26 -7.63 1.74 9.58
N ASN B 27 -6.83 2.79 9.71
CA ASN B 27 -6.29 3.16 11.02
C ASN B 27 -7.25 3.90 11.92
N SER B 28 -8.28 4.52 11.35
CA SER B 28 -9.23 5.28 12.15
C SER B 28 -10.54 4.58 12.44
N LEU B 29 -10.88 3.56 11.65
CA LEU B 29 -12.14 2.85 11.85
C LEU B 29 -11.95 1.44 12.39
N TYR B 30 -10.72 1.10 12.75
CA TYR B 30 -10.43 -0.23 13.25
C TYR B 30 -11.31 -0.59 14.46
N LYS B 31 -11.86 0.43 15.13
CA LYS B 31 -12.71 0.20 16.30
C LYS B 31 -14.19 0.07 15.95
N ASN B 32 -14.61 0.65 14.83
N ASN B 32 -14.61 0.77 14.90
CA ASN B 32 -16.01 0.58 14.43
CA ASN B 32 -16.00 0.72 14.46
C ASN B 32 -16.11 -0.06 13.05
C ASN B 32 -16.08 -0.02 13.09
N LYS B 33 -15.50 -1.23 12.96
CA LYS B 33 -15.49 -1.97 11.69
C LYS B 33 -16.79 -2.26 10.90
N GLU B 34 -17.87 -2.60 11.59
CA GLU B 34 -19.14 -2.91 10.92
C GLU B 34 -19.62 -1.79 9.99
N ILE B 35 -18.96 -0.64 10.06
CA ILE B 35 -19.30 0.52 9.24
C ILE B 35 -19.16 0.23 7.73
N PHE B 36 -18.32 -0.75 7.39
CA PHE B 36 -18.12 -1.10 5.98
C PHE B 36 -19.46 -1.42 5.33
N LEU B 37 -20.34 -2.11 6.06
CA LEU B 37 -21.63 -2.50 5.51
C LEU B 37 -22.50 -1.27 5.25
N ARG B 38 -22.42 -0.28 6.13
CA ARG B 38 -23.20 0.94 5.97
C ARG B 38 -22.78 1.63 4.68
N GLU B 39 -21.47 1.70 4.47
CA GLU B 39 -20.95 2.36 3.28
C GLU B 39 -21.31 1.62 1.99
N LEU B 40 -21.28 0.30 2.03
CA LEU B 40 -21.63 -0.46 0.83
C LEU B 40 -23.12 -0.27 0.52
N ILE B 41 -23.96 -0.28 1.54
CA ILE B 41 -25.39 -0.07 1.34
C ILE B 41 -25.62 1.35 0.84
N SER B 42 -24.84 2.29 1.37
CA SER B 42 -24.94 3.69 0.96
C SER B 42 -24.55 3.85 -0.52
N ASN B 43 -23.46 3.20 -0.93
CA ASN B 43 -23.04 3.28 -2.34
C ASN B 43 -24.07 2.63 -3.26
N ALA B 44 -24.61 1.49 -2.83
CA ALA B 44 -25.62 0.77 -3.61
C ALA B 44 -26.83 1.69 -3.86
N SER B 45 -27.28 2.36 -2.79
CA SER B 45 -28.40 3.29 -2.87
C SER B 45 -28.11 4.43 -3.87
N ASP B 46 -26.90 4.99 -3.81
CA ASP B 46 -26.53 6.06 -4.74
C ASP B 46 -26.52 5.57 -6.19
N ALA B 47 -26.04 4.35 -6.41
CA ALA B 47 -26.01 3.79 -7.76
C ALA B 47 -27.42 3.60 -8.28
N LEU B 48 -28.35 3.27 -7.39
CA LEU B 48 -29.74 3.09 -7.80
C LEU B 48 -30.38 4.44 -8.09
N ASP B 49 -30.01 5.47 -7.33
CA ASP B 49 -30.55 6.80 -7.58
C ASP B 49 -30.11 7.24 -8.98
N LYS B 50 -28.86 6.94 -9.31
CA LYS B 50 -28.33 7.32 -10.61
C LYS B 50 -29.03 6.68 -11.80
N ILE B 51 -29.31 5.38 -11.74
CA ILE B 51 -29.98 4.76 -12.87
C ILE B 51 -31.43 5.24 -12.94
N ARG B 52 -32.00 5.59 -11.79
CA ARG B 52 -33.37 6.08 -11.74
C ARG B 52 -33.41 7.43 -12.46
N LEU B 53 -32.41 8.25 -12.20
CA LEU B 53 -32.31 9.56 -12.85
C LEU B 53 -32.15 9.38 -14.37
N ILE B 54 -31.32 8.41 -14.76
N ILE B 54 -31.32 8.43 -14.76
CA ILE B 54 -31.09 8.14 -16.18
CA ILE B 54 -31.09 8.16 -16.18
C ILE B 54 -32.37 7.72 -16.86
C ILE B 54 -32.37 7.70 -16.87
N SER B 55 -33.15 6.88 -16.18
CA SER B 55 -34.41 6.38 -16.73
C SER B 55 -35.43 7.48 -16.98
N LEU B 56 -35.24 8.64 -16.34
CA LEU B 56 -36.15 9.76 -16.54
C LEU B 56 -36.08 10.21 -18.00
N THR B 57 -34.87 10.20 -18.55
CA THR B 57 -34.65 10.60 -19.93
C THR B 57 -34.56 9.42 -20.91
N ASP B 58 -33.84 8.37 -20.51
CA ASP B 58 -33.65 7.19 -21.34
C ASP B 58 -34.72 6.12 -21.10
N GLU B 59 -35.67 6.02 -22.02
CA GLU B 59 -36.77 5.07 -21.93
C GLU B 59 -36.37 3.60 -21.83
N ASN B 60 -35.19 3.25 -22.33
CA ASN B 60 -34.73 1.86 -22.29
C ASN B 60 -33.67 1.61 -21.21
N ALA B 61 -33.40 2.61 -20.39
CA ALA B 61 -32.40 2.53 -19.34
C ALA B 61 -32.45 1.28 -18.47
N LEU B 62 -33.65 0.81 -18.13
CA LEU B 62 -33.77 -0.36 -17.27
C LEU B 62 -33.93 -1.70 -17.99
N ALA B 63 -33.83 -1.70 -19.32
CA ALA B 63 -33.99 -2.91 -20.11
C ALA B 63 -33.18 -4.13 -19.65
N GLY B 64 -31.94 -3.89 -19.22
CA GLY B 64 -31.09 -4.99 -18.77
C GLY B 64 -31.50 -5.69 -17.48
N ASN B 65 -32.22 -4.98 -16.62
CA ASN B 65 -32.67 -5.53 -15.34
C ASN B 65 -33.71 -4.55 -14.81
N GLU B 66 -34.98 -4.92 -14.90
CA GLU B 66 -36.10 -4.06 -14.49
C GLU B 66 -36.22 -3.67 -13.01
N GLU B 67 -35.66 -4.46 -12.11
CA GLU B 67 -35.78 -4.15 -10.68
C GLU B 67 -34.74 -3.15 -10.16
N LEU B 68 -35.07 -2.49 -9.05
CA LEU B 68 -34.18 -1.52 -8.40
C LEU B 68 -34.07 -2.04 -6.98
N THR B 69 -33.10 -2.93 -6.75
CA THR B 69 -32.93 -3.53 -5.42
C THR B 69 -31.48 -3.72 -4.98
N VAL B 70 -31.32 -4.07 -3.72
CA VAL B 70 -30.00 -4.39 -3.15
C VAL B 70 -30.22 -5.75 -2.52
N LYS B 71 -29.37 -6.72 -2.87
CA LYS B 71 -29.51 -8.07 -2.35
C LYS B 71 -28.19 -8.54 -1.75
N ILE B 72 -28.25 -8.94 -0.48
CA ILE B 72 -27.08 -9.39 0.27
C ILE B 72 -27.12 -10.88 0.55
N LYS B 73 -25.99 -11.55 0.30
CA LYS B 73 -25.90 -12.98 0.47
C LYS B 73 -24.62 -13.40 1.18
N CYS B 74 -24.74 -14.37 2.08
CA CYS B 74 -23.61 -14.89 2.83
C CYS B 74 -23.26 -16.26 2.29
N ASP B 75 -21.97 -16.52 2.09
CA ASP B 75 -21.52 -17.83 1.63
C ASP B 75 -20.49 -18.27 2.64
N LYS B 76 -20.98 -18.87 3.73
CA LYS B 76 -20.12 -19.34 4.80
C LYS B 76 -19.01 -20.25 4.30
N GLU B 77 -19.38 -21.32 3.60
CA GLU B 77 -18.40 -22.28 3.09
C GLU B 77 -17.26 -21.63 2.33
N LYS B 78 -17.57 -20.61 1.54
CA LYS B 78 -16.54 -19.94 0.75
C LYS B 78 -15.98 -18.71 1.46
N ASN B 79 -16.52 -18.39 2.62
CA ASN B 79 -16.02 -17.23 3.37
C ASN B 79 -16.22 -15.95 2.57
N LEU B 80 -17.40 -15.80 1.97
CA LEU B 80 -17.69 -14.63 1.16
C LEU B 80 -18.97 -13.91 1.55
N LEU B 81 -18.98 -12.60 1.31
CA LEU B 81 -20.15 -11.78 1.55
C LEU B 81 -20.37 -11.05 0.23
N HIS B 82 -21.60 -11.09 -0.27
CA HIS B 82 -21.94 -10.43 -1.54
C HIS B 82 -22.99 -9.35 -1.30
N VAL B 83 -22.78 -8.18 -1.89
CA VAL B 83 -23.73 -7.08 -1.80
C VAL B 83 -23.99 -6.70 -3.26
N THR B 84 -25.20 -6.98 -3.75
CA THR B 84 -25.50 -6.71 -5.16
C THR B 84 -26.59 -5.67 -5.36
N ASP B 85 -26.34 -4.71 -6.24
CA ASP B 85 -27.36 -3.71 -6.55
C ASP B 85 -27.61 -3.71 -8.06
N THR B 86 -28.80 -3.29 -8.44
CA THR B 86 -29.15 -3.22 -9.86
C THR B 86 -29.12 -1.74 -10.24
N GLY B 87 -28.07 -1.08 -9.77
CA GLY B 87 -27.89 0.32 -10.06
C GLY B 87 -27.36 0.55 -11.46
N VAL B 88 -26.74 1.71 -11.67
CA VAL B 88 -26.21 2.11 -12.95
C VAL B 88 -25.01 1.28 -13.44
N GLY B 89 -24.28 0.66 -12.52
CA GLY B 89 -23.12 -0.11 -12.91
C GLY B 89 -21.97 0.77 -13.37
N MET B 90 -20.85 0.13 -13.75
CA MET B 90 -19.66 0.83 -14.21
C MET B 90 -19.04 0.15 -15.43
N THR B 91 -18.60 0.96 -16.38
CA THR B 91 -17.93 0.43 -17.57
C THR B 91 -16.53 0.02 -17.10
N ARG B 92 -15.77 -0.61 -17.97
CA ARG B 92 -14.41 -1.02 -17.62
C ARG B 92 -13.56 0.19 -17.24
N GLU B 93 -13.69 1.27 -18.01
CA GLU B 93 -12.92 2.48 -17.74
C GLU B 93 -13.30 3.11 -16.40
N GLU B 94 -14.59 3.03 -16.04
CA GLU B 94 -15.06 3.60 -14.78
C GLU B 94 -14.60 2.77 -13.57
N LEU B 95 -14.42 1.47 -13.77
CA LEU B 95 -13.94 0.62 -12.68
C LEU B 95 -12.52 1.06 -12.31
N VAL B 96 -11.70 1.24 -13.34
CA VAL B 96 -10.31 1.67 -13.14
C VAL B 96 -10.21 3.06 -12.52
N LYS B 97 -11.03 3.98 -13.01
CA LYS B 97 -11.03 5.36 -12.52
C LYS B 97 -11.67 5.55 -11.14
N ASN B 98 -12.85 4.97 -10.94
CA ASN B 98 -13.56 5.13 -9.69
C ASN B 98 -12.95 4.41 -8.49
N LEU B 99 -12.32 3.27 -8.74
CA LEU B 99 -11.74 2.52 -7.62
C LEU B 99 -10.23 2.68 -7.47
N GLY B 100 -9.53 3.03 -8.54
CA GLY B 100 -8.09 3.16 -8.45
C GLY B 100 -7.51 4.56 -8.35
N THR B 101 -8.37 5.57 -8.44
CA THR B 101 -7.93 6.96 -8.37
C THR B 101 -8.92 7.80 -7.59
N ILE B 102 -8.49 9.01 -7.22
CA ILE B 102 -9.34 9.92 -6.49
C ILE B 102 -9.07 11.32 -7.02
N ALA B 103 -10.12 12.07 -7.30
CA ALA B 103 -9.91 13.41 -7.83
C ALA B 103 -11.08 14.34 -7.62
N LYS B 104 -11.48 14.46 -6.36
CA LYS B 104 -12.55 15.36 -6.00
C LYS B 104 -11.81 16.58 -5.49
N SER B 105 -12.53 17.69 -5.43
CA SER B 105 -11.95 18.94 -4.98
C SER B 105 -11.24 18.78 -3.63
N GLY B 106 -11.99 18.44 -2.59
CA GLY B 106 -11.38 18.30 -1.27
C GLY B 106 -10.53 17.08 -0.99
N THR B 107 -9.87 16.54 -2.02
CA THR B 107 -9.04 15.34 -1.86
C THR B 107 -7.86 15.57 -0.92
N SER B 108 -7.18 16.69 -1.10
CA SER B 108 -6.03 17.04 -0.26
C SER B 108 -6.59 17.49 1.08
N GLU B 109 -7.65 18.30 1.01
CA GLU B 109 -8.30 18.82 2.21
C GLU B 109 -8.83 17.68 3.07
N PHE B 110 -9.46 16.70 2.42
CA PHE B 110 -10.02 15.55 3.12
C PHE B 110 -8.92 14.75 3.83
N LEU B 111 -7.84 14.49 3.11
CA LEU B 111 -6.72 13.73 3.68
C LEU B 111 -6.16 14.49 4.88
N ASN B 112 -6.12 15.81 4.78
CA ASN B 112 -5.62 16.64 5.87
C ASN B 112 -6.56 16.50 7.07
N LYS B 113 -7.86 16.52 6.80
CA LYS B 113 -8.85 16.38 7.87
C LYS B 113 -8.81 14.99 8.48
N MET B 114 -8.62 13.96 7.64
CA MET B 114 -8.55 12.59 8.13
C MET B 114 -7.38 12.45 9.09
N THR B 115 -6.23 13.01 8.71
CA THR B 115 -5.05 12.94 9.56
C THR B 115 -5.24 13.80 10.80
N GLU B 116 -5.83 14.98 10.62
CA GLU B 116 -6.10 15.88 11.73
C GLU B 116 -7.04 15.20 12.71
N ALA B 117 -7.96 14.40 12.17
CA ALA B 117 -8.93 13.67 12.99
C ALA B 117 -8.20 12.69 13.92
N GLN B 118 -7.13 12.09 13.42
CA GLN B 118 -6.35 11.14 14.20
C GLN B 118 -5.30 11.87 15.02
N THR B 124 -14.11 9.85 12.35
CA THR B 124 -13.91 9.97 10.92
C THR B 124 -14.99 9.23 10.13
N SER B 125 -15.86 8.51 10.84
CA SER B 125 -16.92 7.76 10.18
C SER B 125 -17.81 8.68 9.35
N GLU B 126 -17.98 9.91 9.82
CA GLU B 126 -18.82 10.89 9.13
C GLU B 126 -18.13 11.43 7.87
N LEU B 127 -16.88 11.82 8.01
CA LEU B 127 -16.10 12.36 6.89
C LEU B 127 -16.07 11.42 5.69
N ILE B 128 -15.73 10.16 5.96
CA ILE B 128 -15.64 9.15 4.91
C ILE B 128 -16.93 9.10 4.10
N GLY B 129 -18.06 9.12 4.79
CA GLY B 129 -19.33 9.08 4.09
C GLY B 129 -19.55 10.32 3.23
N GLN B 130 -19.25 11.48 3.79
CA GLN B 130 -19.44 12.73 3.08
C GLN B 130 -18.57 12.83 1.83
N PHE B 131 -17.34 12.32 1.91
CA PHE B 131 -16.44 12.36 0.76
C PHE B 131 -16.73 11.24 -0.23
N GLY B 132 -17.57 10.29 0.19
CA GLY B 132 -17.93 9.17 -0.66
C GLY B 132 -16.89 8.12 -0.91
N VAL B 133 -15.90 7.99 -0.02
CA VAL B 133 -14.86 6.99 -0.20
C VAL B 133 -15.03 5.81 0.77
N GLY B 134 -16.29 5.57 1.16
CA GLY B 134 -16.59 4.48 2.09
C GLY B 134 -16.22 3.09 1.61
N PHE B 135 -16.13 2.91 0.30
CA PHE B 135 -15.80 1.63 -0.30
C PHE B 135 -14.56 0.99 0.35
N TYR B 136 -13.51 1.78 0.47
CA TYR B 136 -12.26 1.28 1.03
C TYR B 136 -12.36 0.72 2.44
N SER B 137 -13.41 1.07 3.18
CA SER B 137 -13.55 0.51 4.53
C SER B 137 -13.77 -1.00 4.43
N ALA B 138 -14.02 -1.50 3.22
CA ALA B 138 -14.22 -2.94 3.05
C ALA B 138 -12.94 -3.68 3.41
N PHE B 139 -11.80 -3.02 3.22
CA PHE B 139 -10.52 -3.65 3.54
C PHE B 139 -10.32 -3.82 5.04
N LEU B 140 -11.23 -3.30 5.83
CA LEU B 140 -11.14 -3.46 7.28
C LEU B 140 -11.53 -4.90 7.63
N VAL B 141 -12.40 -5.49 6.81
CA VAL B 141 -12.85 -6.86 7.08
C VAL B 141 -12.52 -7.87 5.99
N ALA B 142 -11.92 -7.41 4.89
CA ALA B 142 -11.61 -8.30 3.79
C ALA B 142 -10.16 -8.33 3.36
N ASP B 143 -9.67 -9.54 3.09
CA ASP B 143 -8.30 -9.73 2.61
C ASP B 143 -8.30 -9.46 1.10
N LYS B 144 -9.49 -9.50 0.51
CA LYS B 144 -9.62 -9.23 -0.92
C LYS B 144 -11.03 -8.71 -1.22
N VAL B 145 -11.11 -7.79 -2.15
CA VAL B 145 -12.39 -7.21 -2.54
C VAL B 145 -12.54 -7.40 -4.05
N ILE B 146 -13.70 -7.91 -4.45
N ILE B 146 -13.70 -7.90 -4.46
CA ILE B 146 -13.99 -8.15 -5.86
CA ILE B 146 -13.97 -8.14 -5.86
C ILE B 146 -15.20 -7.32 -6.26
C ILE B 146 -15.20 -7.33 -6.27
N VAL B 147 -15.10 -6.62 -7.38
CA VAL B 147 -16.20 -5.80 -7.87
C VAL B 147 -16.58 -6.27 -9.28
N THR B 148 -17.78 -6.83 -9.42
CA THR B 148 -18.25 -7.29 -10.73
C THR B 148 -19.30 -6.25 -11.14
N SER B 149 -19.20 -5.73 -12.35
CA SER B 149 -20.15 -4.69 -12.74
C SER B 149 -20.53 -4.73 -14.22
N LYS B 150 -21.76 -4.32 -14.49
CA LYS B 150 -22.29 -4.28 -15.85
C LYS B 150 -23.03 -2.97 -16.03
N HIS B 151 -22.52 -2.14 -16.95
CA HIS B 151 -23.12 -0.84 -17.28
C HIS B 151 -23.76 -0.99 -18.67
N ASN B 152 -24.83 -0.24 -18.93
CA ASN B 152 -25.49 -0.34 -20.22
C ASN B 152 -24.56 -0.09 -21.41
N ASN B 153 -23.49 0.66 -21.19
CA ASN B 153 -22.56 0.97 -22.27
C ASN B 153 -21.32 0.10 -22.41
N ASP B 154 -21.27 -1.04 -21.73
CA ASP B 154 -20.10 -1.91 -21.83
C ASP B 154 -20.49 -3.34 -21.45
N THR B 155 -19.53 -4.26 -21.54
CA THR B 155 -19.77 -5.65 -21.18
C THR B 155 -19.43 -5.81 -19.70
N GLN B 156 -19.78 -6.96 -19.14
CA GLN B 156 -19.51 -7.21 -17.73
C GLN B 156 -18.02 -7.38 -17.44
N HIS B 157 -17.53 -6.68 -16.42
CA HIS B 157 -16.12 -6.77 -16.06
C HIS B 157 -15.93 -7.09 -14.59
N ILE B 158 -14.72 -7.49 -14.22
CA ILE B 158 -14.42 -7.82 -12.83
C ILE B 158 -13.18 -7.05 -12.39
N TRP B 159 -13.28 -6.38 -11.23
CA TRP B 159 -12.18 -5.64 -10.63
C TRP B 159 -11.81 -6.43 -9.38
N GLU B 160 -10.52 -6.59 -9.11
CA GLU B 160 -10.13 -7.34 -7.91
C GLU B 160 -8.87 -6.77 -7.31
N SER B 161 -8.79 -6.79 -5.99
CA SER B 161 -7.64 -6.24 -5.29
C SER B 161 -7.46 -6.75 -3.87
N ASP B 162 -6.20 -6.89 -3.46
CA ASP B 162 -5.86 -7.27 -2.10
C ASP B 162 -5.30 -6.00 -1.43
N SER B 163 -5.46 -4.87 -2.11
CA SER B 163 -5.01 -3.53 -1.68
C SER B 163 -3.58 -3.18 -2.09
N ASN B 164 -2.86 -4.15 -2.65
CA ASN B 164 -1.47 -3.93 -3.07
C ASN B 164 -1.34 -3.61 -4.56
N GLU B 165 -2.46 -3.74 -5.26
CA GLU B 165 -2.57 -3.48 -6.69
C GLU B 165 -3.98 -3.95 -7.02
N PHE B 166 -4.40 -3.71 -8.25
CA PHE B 166 -5.71 -4.19 -8.67
C PHE B 166 -5.66 -4.55 -10.14
N SER B 167 -6.61 -5.33 -10.58
CA SER B 167 -6.66 -5.72 -11.97
C SER B 167 -8.10 -5.70 -12.41
N VAL B 168 -8.30 -5.48 -13.71
CA VAL B 168 -9.63 -5.45 -14.31
C VAL B 168 -9.59 -6.37 -15.51
N ILE B 169 -10.57 -7.26 -15.61
CA ILE B 169 -10.65 -8.20 -16.72
C ILE B 169 -12.10 -8.37 -17.18
N ALA B 170 -12.28 -8.77 -18.42
CA ALA B 170 -13.63 -9.00 -18.93
C ALA B 170 -14.13 -10.24 -18.19
N ASP B 171 -15.38 -10.22 -17.78
CA ASP B 171 -15.95 -11.35 -17.04
C ASP B 171 -16.22 -12.51 -18.01
N PRO B 172 -15.49 -13.63 -17.84
CA PRO B 172 -15.66 -14.79 -18.71
C PRO B 172 -17.03 -15.46 -18.59
N ARG B 173 -17.79 -15.05 -17.57
CA ARG B 173 -19.12 -15.59 -17.38
C ARG B 173 -20.11 -14.81 -18.25
N GLY B 174 -19.64 -13.74 -18.88
CA GLY B 174 -20.52 -12.94 -19.71
C GLY B 174 -21.42 -12.05 -18.86
N ASN B 175 -22.55 -11.64 -19.42
CA ASN B 175 -23.46 -10.75 -18.70
C ASN B 175 -24.46 -11.51 -17.82
N THR B 176 -24.12 -11.66 -16.54
CA THR B 176 -24.98 -12.35 -15.60
C THR B 176 -25.73 -11.41 -14.67
N LEU B 177 -25.27 -10.16 -14.60
CA LEU B 177 -25.92 -9.18 -13.73
C LEU B 177 -27.09 -8.46 -14.41
N GLY B 178 -27.01 -8.33 -15.73
CA GLY B 178 -28.05 -7.62 -16.48
C GLY B 178 -27.67 -6.16 -16.45
N ARG B 179 -27.51 -5.64 -15.24
CA ARG B 179 -27.12 -4.27 -15.00
C ARG B 179 -26.90 -4.13 -13.51
N GLY B 180 -25.81 -3.48 -13.13
CA GLY B 180 -25.55 -3.32 -11.71
C GLY B 180 -24.15 -3.72 -11.30
N THR B 181 -23.98 -3.86 -9.99
CA THR B 181 -22.68 -4.17 -9.41
C THR B 181 -22.82 -5.11 -8.22
N THR B 182 -21.89 -6.04 -8.10
CA THR B 182 -21.86 -6.94 -6.96
C THR B 182 -20.50 -6.69 -6.31
N ILE B 183 -20.51 -6.46 -5.00
CA ILE B 183 -19.27 -6.27 -4.26
C ILE B 183 -19.11 -7.59 -3.52
N THR B 184 -18.00 -8.28 -3.72
CA THR B 184 -17.78 -9.54 -3.04
C THR B 184 -16.58 -9.38 -2.11
N LEU B 185 -16.77 -9.77 -0.86
CA LEU B 185 -15.70 -9.65 0.12
C LEU B 185 -15.19 -11.01 0.58
N VAL B 186 -13.89 -11.25 0.40
CA VAL B 186 -13.27 -12.48 0.86
C VAL B 186 -12.83 -12.07 2.28
N LEU B 187 -13.66 -12.41 3.26
CA LEU B 187 -13.43 -12.03 4.64
C LEU B 187 -12.16 -12.52 5.33
N LYS B 188 -11.59 -11.63 6.14
CA LYS B 188 -10.39 -11.94 6.91
C LYS B 188 -10.81 -12.97 7.95
N GLU B 189 -9.82 -13.67 8.51
CA GLU B 189 -10.09 -14.67 9.53
C GLU B 189 -10.84 -14.05 10.71
N GLU B 190 -10.41 -12.88 11.13
CA GLU B 190 -11.05 -12.21 12.25
C GLU B 190 -12.42 -11.58 11.96
N ALA B 191 -12.94 -11.77 10.75
CA ALA B 191 -14.23 -11.19 10.39
C ALA B 191 -15.31 -12.22 10.04
N SER B 192 -15.06 -13.49 10.39
CA SER B 192 -16.01 -14.55 10.09
C SER B 192 -17.40 -14.33 10.70
N ASP B 193 -17.49 -13.48 11.71
CA ASP B 193 -18.76 -13.21 12.35
C ASP B 193 -19.78 -12.59 11.38
N TYR B 194 -19.28 -11.95 10.34
CA TYR B 194 -20.14 -11.32 9.34
C TYR B 194 -20.77 -12.29 8.36
N LEU B 195 -20.62 -13.59 8.62
CA LEU B 195 -21.20 -14.62 7.75
C LEU B 195 -22.44 -15.21 8.40
N GLU B 196 -22.68 -14.85 9.66
CA GLU B 196 -23.85 -15.34 10.40
C GLU B 196 -25.09 -14.53 10.05
N LEU B 197 -26.12 -15.21 9.56
CA LEU B 197 -27.37 -14.56 9.17
C LEU B 197 -27.92 -13.57 10.18
N ASP B 198 -28.08 -14.00 11.42
CA ASP B 198 -28.62 -13.14 12.47
C ASP B 198 -27.84 -11.84 12.58
N THR B 199 -26.52 -11.92 12.45
CA THR B 199 -25.67 -10.74 12.53
C THR B 199 -25.81 -9.82 11.32
N ILE B 200 -25.71 -10.39 10.12
CA ILE B 200 -25.84 -9.60 8.90
C ILE B 200 -27.22 -8.97 8.80
N LYS B 201 -28.25 -9.74 9.15
CA LYS B 201 -29.63 -9.24 9.11
C LYS B 201 -29.78 -8.06 10.06
N ASN B 202 -29.23 -8.19 11.25
CA ASN B 202 -29.32 -7.13 12.24
C ASN B 202 -28.62 -5.87 11.75
N LEU B 203 -27.48 -6.04 11.09
CA LEU B 203 -26.73 -4.90 10.57
C LEU B 203 -27.42 -4.26 9.36
N VAL B 204 -27.94 -5.09 8.48
CA VAL B 204 -28.63 -4.58 7.29
C VAL B 204 -29.86 -3.79 7.67
N LYS B 205 -30.62 -4.29 8.65
N LYS B 205 -30.61 -4.30 8.64
CA LYS B 205 -31.82 -3.62 9.11
CA LYS B 205 -31.82 -3.62 9.12
C LYS B 205 -31.47 -2.23 9.62
C LYS B 205 -31.46 -2.22 9.59
N LYS B 206 -30.41 -2.15 10.41
CA LYS B 206 -29.97 -0.87 10.95
C LYS B 206 -29.50 0.14 9.90
N TYR B 207 -28.69 -0.33 8.96
CA TYR B 207 -28.15 0.56 7.93
C TYR B 207 -29.02 0.78 6.70
N SER B 208 -30.09 0.02 6.57
CA SER B 208 -30.97 0.16 5.40
C SER B 208 -32.27 0.90 5.74
N GLN B 209 -32.35 1.41 6.96
CA GLN B 209 -33.54 2.10 7.42
C GLN B 209 -34.01 3.26 6.55
N PHE B 210 -33.13 4.23 6.30
CA PHE B 210 -33.49 5.39 5.49
C PHE B 210 -33.17 5.24 4.00
N ILE B 211 -33.05 4.01 3.52
CA ILE B 211 -32.77 3.76 2.12
C ILE B 211 -34.09 3.65 1.37
N ASN B 212 -34.20 4.34 0.23
CA ASN B 212 -35.44 4.34 -0.55
C ASN B 212 -35.63 3.19 -1.54
N PHE B 213 -34.86 2.13 -1.38
CA PHE B 213 -34.97 0.97 -2.26
C PHE B 213 -35.05 -0.26 -1.37
N PRO B 214 -35.75 -1.30 -1.84
CA PRO B 214 -35.86 -2.52 -1.05
C PRO B 214 -34.52 -3.24 -0.92
N ILE B 215 -34.17 -3.62 0.31
CA ILE B 215 -32.93 -4.34 0.56
C ILE B 215 -33.23 -5.73 1.11
N TYR B 216 -32.72 -6.76 0.44
CA TYR B 216 -32.97 -8.14 0.83
C TYR B 216 -31.73 -8.88 1.29
N VAL B 217 -31.94 -9.93 2.08
CA VAL B 217 -30.88 -10.78 2.58
C VAL B 217 -31.30 -12.22 2.28
N TRP B 218 -30.42 -12.99 1.66
CA TRP B 218 -30.73 -14.38 1.37
C TRP B 218 -30.66 -15.10 2.71
N SER B 219 -31.80 -15.63 3.16
CA SER B 219 -31.86 -16.31 4.46
C SER B 219 -32.70 -17.58 4.47
N SER B 220 -32.64 -18.30 5.58
CA SER B 220 -33.39 -19.54 5.73
C SER B 220 -34.60 -19.40 6.64
N LYS B 221 -35.64 -20.17 6.35
CA LYS B 221 -36.87 -20.16 7.13
C LYS B 221 -37.32 -21.61 7.34
N THR B 222 -38.01 -21.85 8.44
CA THR B 222 -38.48 -23.20 8.77
C THR B 222 -40.01 -23.24 8.82
N THR B 228 -36.71 -26.41 5.89
CA THR B 228 -35.70 -25.36 5.71
C THR B 228 -35.65 -24.88 4.27
N VAL B 229 -36.21 -23.70 4.03
CA VAL B 229 -36.24 -23.13 2.69
C VAL B 229 -35.58 -21.74 2.67
N TRP B 230 -34.75 -21.50 1.67
CA TRP B 230 -34.06 -20.23 1.53
C TRP B 230 -34.78 -19.32 0.55
N ASP B 231 -34.67 -18.02 0.77
CA ASP B 231 -35.30 -17.03 -0.09
C ASP B 231 -34.99 -15.61 0.38
N TRP B 232 -35.21 -14.64 -0.51
CA TRP B 232 -34.96 -13.24 -0.19
C TRP B 232 -35.93 -12.76 0.89
N GLU B 233 -35.37 -12.13 1.91
CA GLU B 233 -36.17 -11.59 3.01
C GLU B 233 -35.97 -10.08 3.05
N LEU B 234 -37.07 -9.34 3.02
CA LEU B 234 -37.02 -7.88 3.06
C LEU B 234 -36.56 -7.40 4.42
N MET B 235 -35.60 -6.49 4.44
CA MET B 235 -35.04 -5.96 5.68
C MET B 235 -35.45 -4.53 5.97
N ASN B 236 -36.10 -3.87 5.01
CA ASN B 236 -36.52 -2.49 5.21
C ASN B 236 -37.87 -2.21 4.55
C1 RDC C . 23.34 0.15 -2.76
C2 RDC C . 22.62 0.37 -1.48
C3 RDC C . 23.43 0.88 -0.35
C4 RDC C . 22.87 1.10 0.93
C5 RDC C . 21.50 0.84 1.15
C6 RDC C . 20.65 0.36 0.06
C7 RDC C . 21.17 0.11 -1.24
C8 RDC C . 20.22 -0.42 -2.37
C9 RDC C . 19.50 -1.81 -2.21
C10 RDC C . 20.15 -2.92 -1.49
C11 RDC C . 21.35 -3.40 -1.78
C12 RDC C . 22.04 -4.48 -1.09
C13 RDC C . 23.24 -4.95 -1.39
C14 RDC C . 24.36 -4.64 -2.42
C15 RDC C . 24.18 -4.10 -3.75
C16 RDC C . 24.80 -2.75 -4.08
C17 RDC C . 23.92 -1.58 -4.43
C18 RDC C . 22.82 -1.77 -5.46
O1 RDC C . 23.27 -1.10 -3.20
O2 RDC C . 23.98 1.06 -3.35
O3 RDC C . 24.75 1.16 -0.48
O4 RDC C . 20.90 1.03 2.37
CL1 RDC C . 18.99 0.09 0.42
O5 RDC C . 18.39 -1.97 -2.63
O6 RDC C . 24.80 -5.35 -3.53
O1 PG4 D . 24.43 14.76 0.36
C1 PG4 D . 23.24 14.78 1.14
C2 PG4 D . 22.44 13.50 0.89
O2 PG4 D . 21.21 13.51 1.64
C3 PG4 D . 20.26 14.39 1.04
C4 PG4 D . 18.91 14.26 1.72
O3 PG4 D . 17.96 15.18 1.15
C5 PG4 D . 18.07 16.46 1.79
C6 PG4 D . 16.99 17.38 1.25
O4 PG4 D . 17.06 18.63 1.95
O1 PG4 E . 29.79 16.59 8.34
C1 PG4 E . 29.48 17.47 9.42
C2 PG4 E . 27.96 17.57 9.56
O2 PG4 E . 27.40 18.13 8.37
C3 PG4 E . 26.01 17.76 8.25
C4 PG4 E . 25.47 18.29 6.94
O3 PG4 E . 24.15 17.79 6.68
C5 PG4 E . 24.15 17.08 5.43
C6 PG4 E . 24.50 15.62 5.66
O4 PG4 E . 24.78 14.98 4.41
C7 PG4 E . 25.01 13.57 4.64
C8 PG4 E . 25.79 12.98 3.48
O5 PG4 E . 27.09 13.58 3.41
O1 PG4 F . 22.69 -8.42 -3.65
C1 PG4 F . 24.11 -8.63 -3.66
C2 PG4 F . 24.63 -8.75 -2.23
O2 PG4 F . 26.04 -8.97 -2.25
C3 PG4 F . 26.53 -9.13 -0.91
C4 PG4 F . 28.01 -9.48 -0.93
O3 PG4 F . 28.80 -8.43 -1.51
C5 PG4 F . 28.67 -8.35 -2.93
C6 PG4 F . 29.41 -9.48 -3.63
O4 PG4 F . 29.21 -9.35 -5.05
O1 PG4 G . 0.94 -1.48 -12.83
C1 PG4 G . 2.36 -1.50 -12.71
C2 PG4 G . 2.78 -0.79 -11.41
O2 PG4 G . 4.21 -0.79 -11.26
C3 PG4 G . 4.85 0.16 -12.11
C4 PG4 G . 4.60 1.59 -11.64
O3 PG4 G . 5.30 2.52 -12.49
C5 PG4 G . 5.00 3.87 -12.11
C6 PG4 G . 3.77 4.37 -12.84
O4 PG4 G . 3.42 5.71 -12.43
C7 PG4 G . 2.62 5.72 -11.25
C8 PG4 G . 1.18 5.38 -11.57
O5 PG4 G . 0.40 5.42 -10.36
OH2 1PE H . 3.57 2.95 6.28
C12 1PE H . 4.06 1.73 5.70
C22 1PE H . 2.87 0.78 5.47
OH3 1PE H . 3.30 -0.46 4.88
C13 1PE H . 2.41 -0.03 2.65
C23 1PE H . 3.65 -0.32 3.49
OH4 1PE H . 2.76 0.05 1.26
C14 1PE H . 0.53 -0.53 0.46
C24 1PE H . 1.63 0.51 0.50
OH5 1PE H . -0.69 0.00 -0.10
C15 1PE H . -2.75 0.90 0.78
C25 1PE H . -1.24 1.00 0.78
OH6 1PE H . -3.17 -0.38 1.30
C16 1PE H . -3.64 -1.73 3.23
C26 1PE H . -3.14 -0.38 2.73
OH7 1PE H . -3.56 -1.77 4.66
C1 RDC I . -21.23 1.97 -8.47
C2 RDC I . -20.85 1.33 -7.16
C3 RDC I . -21.89 0.52 -6.49
C4 RDC I . -21.67 -0.09 -5.24
C5 RDC I . -20.41 0.05 -4.61
C6 RDC I . -19.34 0.82 -5.25
C7 RDC I . -19.53 1.47 -6.50
C8 RDC I . -18.35 2.30 -7.13
C9 RDC I . -17.74 3.52 -6.35
C10 RDC I . -18.59 4.37 -5.50
C11 RDC I . -19.73 4.92 -5.91
C12 RDC I . -20.62 5.73 -5.11
C13 RDC I . -21.76 6.28 -5.53
C14 RDC I . -22.59 6.31 -6.85
C15 RDC I . -22.09 6.33 -8.20
C16 RDC I . -22.46 5.18 -9.15
C17 RDC I . -21.42 4.17 -9.60
C18 RDC I . -20.11 4.68 -10.16
O1 RDC I . -21.10 3.30 -8.46
O2 RDC I . -21.65 1.32 -9.45
O3 RDC I . -23.13 0.33 -7.02
O4 RDC I . -20.15 -0.53 -3.39
CL1 RDC I . -17.84 0.91 -4.40
O5 RDC I . -16.57 3.75 -6.41
O6 RDC I . -22.91 7.36 -7.68
O1 PG4 J . -21.33 -13.08 -10.16
C1 PG4 J . -21.19 -11.89 -9.39
C2 PG4 J . -20.27 -12.16 -8.19
O2 PG4 J . -18.96 -12.51 -8.64
C3 PG4 J . -18.11 -12.68 -7.50
C4 PG4 J . -16.65 -12.73 -7.93
O3 PG4 J . -16.39 -13.84 -8.80
C5 PG4 J . -16.27 -15.05 -8.05
C6 PG4 J . -15.91 -16.19 -8.99
O4 PG4 J . -15.76 -17.39 -8.23
O1 PG4 K . -24.70 -12.38 -6.99
C1 PG4 K . -23.73 -13.43 -6.98
C2 PG4 K . -24.11 -14.48 -5.93
O2 PG4 K . -23.17 -15.56 -5.96
C3 PG4 K . -23.48 -16.52 -4.93
C4 PG4 K . -24.58 -17.47 -5.37
O3 PG4 K . -24.85 -18.37 -4.29
C5 PG4 K . -25.74 -19.42 -4.71
C6 PG4 K . -27.16 -19.19 -4.18
O4 PG4 K . -27.75 -18.03 -4.81
C7 PG4 K . -29.08 -17.87 -4.31
C8 PG4 K . -29.87 -16.94 -5.22
O5 PG4 K . -29.23 -15.66 -5.27
O1 PG4 L . -28.78 -11.29 -19.05
C1 PG4 L . -29.34 -10.55 -17.97
C2 PG4 L . -29.61 -11.48 -16.79
O2 PG4 L . -30.16 -10.76 -15.68
C3 PG4 L . -31.57 -10.52 -15.88
C4 PG4 L . -32.12 -9.75 -14.69
O3 PG4 L . -33.52 -9.52 -14.87
O1 PG4 M . -26.59 -8.33 16.22
C1 PG4 M . -26.25 -9.60 15.65
C2 PG4 M . -26.21 -10.66 16.77
O2 PG4 M . -27.50 -10.86 17.34
C3 PG4 M . -28.18 -11.93 16.65
C4 PG4 M . -29.51 -12.24 17.32
O3 PG4 M . -30.38 -11.11 17.23
C5 PG4 M . -31.65 -11.43 17.84
C6 PG4 M . -32.62 -10.28 17.64
O4 PG4 M . -32.13 -9.10 18.27
C7 PG4 M . -33.01 -7.99 17.96
C8 PG4 M . -32.50 -6.72 18.61
O5 PG4 M . -33.37 -5.64 18.27
O1 PG4 N . -21.08 10.20 -5.77
C1 PG4 N . -22.24 10.96 -6.12
C2 PG4 N . -23.50 10.19 -5.71
O2 PG4 N . -24.65 10.95 -6.11
C3 PG4 N . -25.85 10.19 -5.83
C4 PG4 N . -27.06 10.98 -6.30
O3 PG4 N . -26.96 11.22 -7.71
#